data_6HN6
#
_entry.id   6HN6
#
_cell.length_a   110.800
_cell.length_b   110.800
_cell.length_c   109.900
_cell.angle_alpha   90.00
_cell.angle_beta   90.00
_cell.angle_gamma   120.00
#
_symmetry.space_group_name_H-M   'P 63 2 2'
#
loop_
_entity.id
_entity.type
_entity.pdbx_description
1 polymer 'Retinoic acid receptor RXR-alpha'
2 non-polymer 3-[(3-CHOLAMIDOPROPYL)DIMETHYLAMMONIO]-1-PROPANESULFONATE
3 water water
#
_entity_poly.entity_id   1
_entity_poly.type   'polypeptide(L)'
_entity_poly.pdbx_seq_one_letter_code
;MGSSHHHHHHSSGLVPRGSHKREAVQEERQRGKDRNENEVESTSSANEDMPVERILEAELAVEPKTETYVEANMGLNPSS
PNDPVTNICQAADKQLFTLVEWAKRIPHFSELPLDDQVILLRAGWNELLIASFSHRSIAVKDGILLATGLHVHRNSAHSA
GVGAIFDRVLTELVSKMRDMQMDKTELGCLRAIVLFNPDSKGLSNPAEVEALREKVYASLEAYCKHKYPEQPGRFAKLLL
RLPALRSIGLKCLEHLFFFKLIGDTPIDTFLMEMLEAPHQMT
;
_entity_poly.pdbx_strand_id   A
#
# COMPACT_ATOMS: atom_id res chain seq x y z
N SER A 45 0.61 15.72 -22.84
CA SER A 45 0.31 14.32 -22.58
C SER A 45 1.07 13.36 -23.53
N ALA A 46 1.91 12.43 -22.96
CA ALA A 46 2.72 11.43 -23.71
C ALA A 46 3.16 10.21 -22.86
N ASN A 47 3.20 9.01 -23.50
CA ASN A 47 3.54 7.73 -22.87
C ASN A 47 4.99 7.25 -23.03
N GLU A 48 5.80 7.86 -23.91
CA GLU A 48 7.20 7.47 -24.14
C GLU A 48 8.10 7.81 -22.92
N ASP A 49 7.96 9.02 -22.35
CA ASP A 49 8.76 9.44 -21.18
C ASP A 49 8.34 8.71 -19.89
N MET A 50 7.07 8.25 -19.82
CA MET A 50 6.53 7.56 -18.65
C MET A 50 5.59 6.43 -19.11
N PRO A 51 6.12 5.26 -19.58
CA PRO A 51 5.21 4.18 -20.02
C PRO A 51 4.41 3.52 -18.88
N VAL A 52 3.07 3.52 -19.01
CA VAL A 52 2.11 2.93 -18.08
C VAL A 52 2.30 1.39 -17.93
N GLU A 53 2.82 0.76 -19.00
CA GLU A 53 3.16 -0.66 -19.04
C GLU A 53 4.33 -0.92 -18.08
N ARG A 54 5.36 -0.06 -18.12
CA ARG A 54 6.49 -0.14 -17.19
C ARG A 54 6.04 0.14 -15.73
N ILE A 55 5.01 0.99 -15.53
CA ILE A 55 4.43 1.29 -14.21
C ILE A 55 3.63 0.06 -13.68
N LEU A 56 2.86 -0.61 -14.59
CA LEU A 56 2.11 -1.84 -14.28
C LEU A 56 3.08 -2.95 -13.87
N GLU A 57 4.23 -3.06 -14.57
CA GLU A 57 5.27 -4.03 -14.27
C GLU A 57 5.75 -3.92 -12.80
N ALA A 58 6.05 -2.69 -12.35
CA ALA A 58 6.50 -2.35 -11.00
C ALA A 58 5.53 -2.83 -9.93
N GLU A 59 4.21 -2.68 -10.20
CA GLU A 59 3.13 -3.12 -9.31
C GLU A 59 3.03 -4.65 -9.28
N LEU A 60 3.11 -5.30 -10.46
CA LEU A 60 3.05 -6.76 -10.65
C LEU A 60 4.20 -7.49 -10.01
N ALA A 61 5.42 -6.91 -10.09
CA ALA A 61 6.66 -7.45 -9.49
C ALA A 61 6.53 -7.69 -8.00
N VAL A 62 5.96 -6.73 -7.25
CA VAL A 62 5.82 -6.79 -5.80
C VAL A 62 4.49 -7.41 -5.31
N GLU A 63 3.60 -7.81 -6.24
CA GLU A 63 2.31 -8.45 -5.92
C GLU A 63 2.51 -9.79 -5.20
N PRO A 64 1.91 -10.02 -4.00
CA PRO A 64 2.05 -11.31 -3.31
C PRO A 64 1.59 -12.51 -4.14
N LYS A 65 2.32 -13.62 -3.97
CA LYS A 65 1.99 -14.88 -4.65
C LYS A 65 0.73 -15.47 -4.00
N THR A 66 -0.09 -16.15 -4.81
CA THR A 66 -1.31 -16.82 -4.36
C THR A 66 -1.04 -17.71 -3.15
N GLU A 67 0.07 -18.46 -3.16
CA GLU A 67 0.52 -19.35 -2.09
C GLU A 67 0.72 -18.58 -0.79
N THR A 68 1.19 -17.30 -0.87
CA THR A 68 1.36 -16.45 0.33
C THR A 68 0.00 -16.23 1.02
N TYR A 69 -1.03 -15.76 0.25
CA TYR A 69 -2.39 -15.52 0.74
C TYR A 69 -2.98 -16.77 1.41
N VAL A 70 -2.85 -17.94 0.76
CA VAL A 70 -3.40 -19.21 1.24
C VAL A 70 -2.71 -19.67 2.54
N GLU A 71 -1.37 -19.71 2.57
CA GLU A 71 -0.55 -20.13 3.71
C GLU A 71 -0.78 -19.28 4.96
N ALA A 72 -0.78 -17.95 4.81
CA ALA A 72 -0.97 -17.01 5.90
C ALA A 72 -2.26 -17.27 6.70
N ASN A 73 -3.38 -17.44 5.96
CA ASN A 73 -4.74 -17.57 6.45
C ASN A 73 -5.16 -18.94 6.83
N MET A 74 -4.38 -19.96 6.47
CA MET A 74 -4.64 -21.35 6.86
C MET A 74 -3.63 -21.74 7.96
N GLY A 75 -2.65 -20.88 8.20
CA GLY A 75 -1.60 -21.10 9.18
C GLY A 75 -0.59 -22.10 8.69
N LEU A 76 -0.73 -22.51 7.42
CA LEU A 76 0.07 -23.55 6.76
C LEU A 76 1.41 -23.10 6.27
N ASN A 77 2.29 -24.08 6.08
CA ASN A 77 3.68 -23.97 5.66
C ASN A 77 4.36 -22.72 6.32
N PRO A 78 4.47 -22.74 7.67
CA PRO A 78 5.10 -21.61 8.35
C PRO A 78 6.62 -21.66 8.25
N SER A 79 7.23 -20.51 7.93
CA SER A 79 8.68 -20.38 7.93
C SER A 79 8.97 -19.90 9.35
N SER A 80 8.10 -18.95 9.79
CA SER A 80 8.02 -18.18 11.02
C SER A 80 7.52 -18.96 12.25
N PRO A 81 8.11 -18.69 13.44
CA PRO A 81 7.61 -19.33 14.67
C PRO A 81 6.47 -18.51 15.31
N ASN A 82 5.90 -19.03 16.40
CA ASN A 82 4.85 -18.34 17.14
C ASN A 82 5.45 -17.38 18.17
N ASP A 83 6.41 -16.56 17.71
CA ASP A 83 7.05 -15.50 18.48
C ASP A 83 6.55 -14.14 17.94
N PRO A 84 5.88 -13.29 18.78
CA PRO A 84 5.37 -12.00 18.28
C PRO A 84 6.39 -11.02 17.71
N VAL A 85 7.57 -10.86 18.35
CA VAL A 85 8.62 -9.92 17.88
C VAL A 85 9.07 -10.26 16.44
N THR A 86 9.44 -11.53 16.19
CA THR A 86 9.88 -12.06 14.89
C THR A 86 8.87 -11.78 13.80
N ASN A 87 7.59 -12.02 14.08
CA ASN A 87 6.45 -11.89 13.17
C ASN A 87 6.19 -10.44 12.79
N ILE A 88 6.31 -9.54 13.76
CA ILE A 88 6.16 -8.10 13.54
C ILE A 88 7.34 -7.62 12.66
N CYS A 89 8.60 -8.00 13.02
CA CYS A 89 9.80 -7.62 12.27
C CYS A 89 9.78 -8.15 10.85
N GLN A 90 9.25 -9.37 10.65
CA GLN A 90 9.15 -9.97 9.32
C GLN A 90 8.10 -9.27 8.46
N ALA A 91 6.94 -8.88 9.06
CA ALA A 91 5.91 -8.14 8.37
C ALA A 91 6.42 -6.76 7.96
N ALA A 92 7.07 -6.01 8.91
CA ALA A 92 7.63 -4.68 8.59
C ALA A 92 8.61 -4.83 7.39
N ASP A 93 9.48 -5.84 7.44
CA ASP A 93 10.46 -6.17 6.42
C ASP A 93 9.87 -6.46 5.06
N LYS A 94 8.75 -7.19 5.01
CA LYS A 94 8.09 -7.53 3.76
C LYS A 94 7.49 -6.28 3.15
N GLN A 95 6.93 -5.39 3.98
CA GLN A 95 6.34 -4.11 3.56
C GLN A 95 7.38 -3.15 2.96
N LEU A 96 8.56 -3.07 3.60
CA LEU A 96 9.69 -2.25 3.15
C LEU A 96 10.16 -2.72 1.75
N PHE A 97 10.25 -4.04 1.54
CA PHE A 97 10.66 -4.69 0.29
C PHE A 97 9.72 -4.29 -0.88
N THR A 98 8.43 -4.39 -0.64
CA THR A 98 7.31 -4.04 -1.52
C THR A 98 7.47 -2.58 -2.01
N LEU A 99 7.72 -1.64 -1.09
CA LEU A 99 7.89 -0.22 -1.37
C LEU A 99 9.17 0.02 -2.16
N VAL A 100 10.30 -0.54 -1.72
CA VAL A 100 11.60 -0.30 -2.38
C VAL A 100 11.71 -0.99 -3.77
N GLU A 101 11.30 -2.27 -3.89
CA GLU A 101 11.30 -2.99 -5.17
C GLU A 101 10.36 -2.37 -6.17
N TRP A 102 9.23 -1.82 -5.69
CA TRP A 102 8.25 -1.13 -6.52
C TRP A 102 8.88 0.17 -7.08
N ALA A 103 9.37 1.08 -6.20
CA ALA A 103 9.98 2.38 -6.53
C ALA A 103 11.12 2.34 -7.59
N LYS A 104 12.07 1.40 -7.41
CA LYS A 104 13.23 1.17 -8.29
C LYS A 104 12.76 0.83 -9.69
N ARG A 105 11.58 0.20 -9.79
CA ARG A 105 11.02 -0.21 -11.08
C ARG A 105 10.22 0.90 -11.76
N ILE A 106 10.01 2.01 -11.07
CA ILE A 106 9.30 3.17 -11.63
C ILE A 106 10.24 3.95 -12.54
N PRO A 107 9.82 4.22 -13.79
CA PRO A 107 10.70 4.96 -14.73
C PRO A 107 11.22 6.30 -14.21
N HIS A 108 12.55 6.49 -14.37
CA HIS A 108 13.35 7.69 -14.00
C HIS A 108 13.57 7.89 -12.47
N PHE A 109 12.87 7.16 -11.59
CA PHE A 109 13.09 7.26 -10.14
C PHE A 109 14.57 7.08 -9.73
N SER A 110 15.21 6.00 -10.19
CA SER A 110 16.61 5.68 -9.92
C SER A 110 17.61 6.63 -10.60
N GLU A 111 17.13 7.59 -11.44
CA GLU A 111 17.98 8.60 -12.07
C GLU A 111 18.00 9.89 -11.22
N LEU A 112 17.19 9.94 -10.16
CA LEU A 112 17.14 11.07 -9.21
C LEU A 112 18.36 10.95 -8.30
N PRO A 113 18.94 12.05 -7.76
CA PRO A 113 20.04 11.90 -6.78
C PRO A 113 19.59 10.97 -5.65
N LEU A 114 20.46 10.03 -5.26
CA LEU A 114 20.14 9.04 -4.22
C LEU A 114 19.58 9.66 -2.92
N ASP A 115 20.06 10.84 -2.54
CA ASP A 115 19.60 11.59 -1.38
C ASP A 115 18.12 11.94 -1.51
N ASP A 116 17.68 12.29 -2.73
CA ASP A 116 16.28 12.63 -3.03
C ASP A 116 15.42 11.39 -3.06
N GLN A 117 15.96 10.28 -3.59
CA GLN A 117 15.24 9.00 -3.60
C GLN A 117 14.84 8.56 -2.16
N VAL A 118 15.78 8.70 -1.17
CA VAL A 118 15.55 8.37 0.23
C VAL A 118 14.47 9.25 0.86
N ILE A 119 14.56 10.55 0.62
CA ILE A 119 13.61 11.53 1.12
C ILE A 119 12.19 11.23 0.58
N LEU A 120 12.04 10.94 -0.75
CA LEU A 120 10.74 10.63 -1.35
C LEU A 120 10.09 9.35 -0.77
N LEU A 121 10.91 8.33 -0.56
CA LEU A 121 10.44 7.09 0.07
C LEU A 121 10.07 7.32 1.54
N ARG A 122 10.93 8.02 2.32
CA ARG A 122 10.66 8.31 3.73
C ARG A 122 9.46 9.23 3.92
N ALA A 123 9.23 10.17 2.98
CA ALA A 123 8.14 11.14 3.04
C ALA A 123 6.81 10.51 2.64
N GLY A 124 6.83 9.54 1.74
CA GLY A 124 5.59 8.96 1.23
C GLY A 124 5.30 7.52 1.55
N TRP A 125 6.13 6.86 2.40
CA TRP A 125 5.91 5.44 2.70
C TRP A 125 4.52 5.14 3.24
N ASN A 126 4.01 5.96 4.16
CA ASN A 126 2.70 5.75 4.82
C ASN A 126 1.58 5.68 3.77
N GLU A 127 1.50 6.68 2.91
CA GLU A 127 0.52 6.76 1.83
C GLU A 127 0.74 5.66 0.81
N LEU A 128 2.01 5.39 0.46
CA LEU A 128 2.32 4.35 -0.50
C LEU A 128 1.84 2.99 -0.01
N LEU A 129 2.07 2.70 1.30
CA LEU A 129 1.68 1.45 1.97
C LEU A 129 0.16 1.31 2.03
N ILE A 130 -0.54 2.39 2.45
CA ILE A 130 -2.00 2.43 2.50
C ILE A 130 -2.63 2.17 1.10
N ALA A 131 -2.20 2.90 0.03
CA ALA A 131 -2.78 2.73 -1.31
C ALA A 131 -2.68 1.28 -1.81
N SER A 132 -1.57 0.65 -1.48
CA SER A 132 -1.18 -0.71 -1.79
C SER A 132 -2.08 -1.73 -1.05
N PHE A 133 -2.21 -1.65 0.30
CA PHE A 133 -3.09 -2.61 0.99
C PHE A 133 -4.60 -2.32 0.79
N SER A 134 -4.96 -1.10 0.32
CA SER A 134 -6.36 -0.79 0.01
C SER A 134 -6.82 -1.50 -1.26
N HIS A 135 -6.06 -1.32 -2.38
CA HIS A 135 -6.37 -1.91 -3.67
C HIS A 135 -6.31 -3.44 -3.64
N ARG A 136 -5.34 -4.00 -2.92
CA ARG A 136 -5.19 -5.44 -2.72
C ARG A 136 -6.45 -6.07 -2.05
N SER A 137 -7.21 -5.26 -1.30
CA SER A 137 -8.38 -5.64 -0.49
C SER A 137 -9.74 -5.49 -1.18
N ILE A 138 -9.75 -5.03 -2.45
CA ILE A 138 -10.93 -4.90 -3.31
C ILE A 138 -11.79 -6.19 -3.32
N ALA A 139 -11.14 -7.36 -3.52
CA ALA A 139 -11.79 -8.68 -3.60
C ALA A 139 -12.37 -9.19 -2.28
N VAL A 140 -11.75 -8.81 -1.18
CA VAL A 140 -12.13 -9.13 0.19
C VAL A 140 -13.19 -8.09 0.65
N LYS A 141 -14.00 -8.45 1.65
CA LYS A 141 -14.96 -7.55 2.28
C LYS A 141 -14.78 -7.61 3.80
N ASP A 142 -14.92 -6.44 4.46
CA ASP A 142 -14.74 -6.26 5.92
C ASP A 142 -13.34 -6.62 6.44
N GLY A 143 -12.30 -6.43 5.62
CA GLY A 143 -10.93 -6.75 6.02
C GLY A 143 -9.85 -6.20 5.12
N ILE A 144 -8.59 -6.31 5.57
CA ILE A 144 -7.42 -5.83 4.83
C ILE A 144 -6.43 -6.98 4.61
N LEU A 145 -5.87 -7.09 3.38
CA LEU A 145 -4.86 -8.09 3.04
C LEU A 145 -3.51 -7.40 3.01
N LEU A 146 -2.58 -7.84 3.87
CA LEU A 146 -1.23 -7.29 3.95
C LEU A 146 -0.28 -7.98 2.95
N ALA A 147 0.93 -7.40 2.78
CA ALA A 147 2.01 -7.89 1.93
C ALA A 147 2.46 -9.33 2.32
N THR A 148 2.22 -9.71 3.59
CA THR A 148 2.49 -11.05 4.11
C THR A 148 1.40 -12.04 3.69
N GLY A 149 0.33 -11.56 3.06
CA GLY A 149 -0.81 -12.39 2.64
C GLY A 149 -1.90 -12.48 3.69
N LEU A 150 -1.57 -12.08 4.92
CA LEU A 150 -2.48 -12.07 6.05
C LEU A 150 -3.71 -11.19 5.84
N HIS A 151 -4.89 -11.71 6.24
CA HIS A 151 -6.17 -11.03 6.21
C HIS A 151 -6.48 -10.57 7.63
N VAL A 152 -6.52 -9.27 7.87
CA VAL A 152 -6.86 -8.69 9.18
C VAL A 152 -8.34 -8.27 9.08
N HIS A 153 -9.23 -8.96 9.84
CA HIS A 153 -10.66 -8.65 9.83
C HIS A 153 -10.96 -7.36 10.60
N ARG A 154 -12.04 -6.66 10.20
CA ARG A 154 -12.56 -5.42 10.80
C ARG A 154 -12.66 -5.54 12.33
N ASN A 155 -13.24 -6.68 12.80
CA ASN A 155 -13.49 -6.99 14.22
C ASN A 155 -12.20 -6.95 15.01
N SER A 156 -11.15 -7.62 14.52
CA SER A 156 -9.83 -7.58 15.16
C SER A 156 -9.32 -6.13 15.33
N ALA A 157 -9.47 -5.27 14.32
CA ALA A 157 -9.07 -3.87 14.38
C ALA A 157 -9.92 -3.08 15.37
N HIS A 158 -11.20 -3.47 15.51
CA HIS A 158 -12.06 -2.78 16.47
C HIS A 158 -11.64 -3.11 17.92
N SER A 159 -11.34 -4.40 18.22
CA SER A 159 -10.85 -4.81 19.54
C SER A 159 -9.44 -4.30 19.85
N ALA A 160 -8.63 -4.05 18.80
CA ALA A 160 -7.25 -3.56 18.87
C ALA A 160 -7.17 -2.06 19.22
N GLY A 161 -8.27 -1.34 19.08
CA GLY A 161 -8.34 0.10 19.35
C GLY A 161 -8.15 1.00 18.14
N VAL A 162 -8.05 0.43 16.91
CA VAL A 162 -7.85 1.15 15.63
C VAL A 162 -9.11 1.14 14.70
N GLY A 163 -10.26 0.74 15.24
CA GLY A 163 -11.54 0.62 14.53
C GLY A 163 -11.96 1.73 13.57
N ALA A 164 -11.90 3.01 14.01
CA ALA A 164 -12.28 4.16 13.18
C ALA A 164 -11.33 4.43 12.01
N ILE A 165 -10.01 4.25 12.21
CA ILE A 165 -9.07 4.45 11.10
C ILE A 165 -9.34 3.34 10.04
N PHE A 166 -9.51 2.08 10.51
CA PHE A 166 -9.78 0.93 9.67
C PHE A 166 -11.07 1.14 8.83
N ASP A 167 -12.14 1.67 9.47
CA ASP A 167 -13.38 1.94 8.75
C ASP A 167 -13.18 3.05 7.70
N ARG A 168 -12.31 4.05 7.98
CA ARG A 168 -12.00 5.09 7.00
C ARG A 168 -11.33 4.48 5.77
N VAL A 169 -10.41 3.51 5.98
CA VAL A 169 -9.74 2.80 4.88
C VAL A 169 -10.77 2.07 4.01
N LEU A 170 -11.67 1.31 4.66
CA LEU A 170 -12.70 0.53 3.99
C LEU A 170 -13.64 1.38 3.17
N THR A 171 -14.11 2.50 3.75
CA THR A 171 -15.08 3.44 3.19
C THR A 171 -14.48 4.41 2.15
N GLU A 172 -13.52 5.26 2.57
CA GLU A 172 -12.85 6.28 1.74
C GLU A 172 -11.95 5.73 0.64
N LEU A 173 -11.31 4.56 0.82
CA LEU A 173 -10.43 4.02 -0.22
C LEU A 173 -10.89 2.70 -0.82
N VAL A 174 -10.99 1.64 0.01
CA VAL A 174 -11.34 0.31 -0.50
C VAL A 174 -12.65 0.30 -1.28
N SER A 175 -13.75 0.82 -0.74
CA SER A 175 -15.06 0.84 -1.41
C SER A 175 -15.04 1.59 -2.73
N LYS A 176 -14.45 2.80 -2.71
CA LYS A 176 -14.30 3.71 -3.84
C LYS A 176 -13.54 3.04 -4.99
N MET A 177 -12.40 2.37 -4.69
CA MET A 177 -11.58 1.64 -5.68
C MET A 177 -12.35 0.47 -6.27
N ARG A 178 -13.18 -0.19 -5.45
CA ARG A 178 -13.99 -1.33 -5.90
C ARG A 178 -15.13 -0.87 -6.78
N ASP A 179 -15.79 0.27 -6.44
CA ASP A 179 -16.90 0.78 -7.25
C ASP A 179 -16.47 1.20 -8.65
N MET A 180 -15.36 1.97 -8.81
CA MET A 180 -14.87 2.36 -10.14
C MET A 180 -14.15 1.22 -10.86
N GLN A 181 -13.93 0.07 -10.19
CA GLN A 181 -13.17 -1.06 -10.73
C GLN A 181 -11.77 -0.55 -11.13
N MET A 182 -11.12 0.20 -10.22
CA MET A 182 -9.79 0.80 -10.39
C MET A 182 -8.79 -0.32 -10.75
N ASP A 183 -8.07 -0.16 -11.88
CA ASP A 183 -7.14 -1.20 -12.32
C ASP A 183 -5.73 -0.96 -11.74
N LYS A 184 -4.85 -1.98 -11.82
CA LYS A 184 -3.50 -1.95 -11.28
CA LYS A 184 -3.49 -1.96 -11.28
C LYS A 184 -2.60 -0.90 -11.95
N THR A 185 -2.92 -0.50 -13.20
CA THR A 185 -2.13 0.54 -13.89
C THR A 185 -2.45 1.89 -13.24
N GLU A 186 -3.75 2.12 -12.98
CA GLU A 186 -4.29 3.31 -12.34
C GLU A 186 -3.72 3.44 -10.94
N LEU A 187 -3.73 2.36 -10.16
CA LEU A 187 -3.14 2.32 -8.82
C LEU A 187 -1.67 2.71 -8.89
N GLY A 188 -0.95 2.09 -9.83
CA GLY A 188 0.47 2.30 -10.09
C GLY A 188 0.81 3.75 -10.34
N CYS A 189 0.05 4.39 -11.23
CA CYS A 189 0.17 5.81 -11.57
C CYS A 189 -0.19 6.71 -10.38
N LEU A 190 -1.22 6.35 -9.57
CA LEU A 190 -1.61 7.10 -8.37
C LEU A 190 -0.45 7.06 -7.38
N ARG A 191 0.12 5.85 -7.19
CA ARG A 191 1.24 5.63 -6.29
C ARG A 191 2.54 6.36 -6.78
N ALA A 192 2.81 6.41 -8.13
CA ALA A 192 3.98 7.15 -8.60
C ALA A 192 3.80 8.67 -8.40
N ILE A 193 2.55 9.18 -8.48
CA ILE A 193 2.23 10.58 -8.23
C ILE A 193 2.57 10.90 -6.75
N VAL A 194 2.19 9.99 -5.80
CA VAL A 194 2.48 10.11 -4.35
C VAL A 194 4.01 10.08 -4.17
N LEU A 195 4.68 9.11 -4.80
CA LEU A 195 6.12 8.95 -4.78
C LEU A 195 6.80 10.26 -5.18
N PHE A 196 6.52 10.75 -6.41
CA PHE A 196 7.09 11.99 -6.94
C PHE A 196 6.44 13.26 -6.34
N ASN A 197 6.55 13.43 -5.01
CA ASN A 197 6.03 14.60 -4.30
C ASN A 197 7.06 15.75 -4.25
N PRO A 198 6.85 16.83 -5.03
CA PRO A 198 7.84 17.93 -5.02
C PRO A 198 7.86 18.77 -3.74
N ASP A 199 6.86 18.59 -2.87
CA ASP A 199 6.72 19.30 -1.59
C ASP A 199 7.48 18.65 -0.43
N SER A 200 8.14 17.51 -0.65
CA SER A 200 8.90 16.85 0.41
C SER A 200 10.07 17.74 0.85
N LYS A 201 10.25 17.86 2.16
CA LYS A 201 11.31 18.70 2.72
C LYS A 201 12.69 18.07 2.50
N GLY A 202 13.62 18.90 2.04
CA GLY A 202 15.02 18.51 1.89
C GLY A 202 15.50 18.14 0.52
N LEU A 203 14.59 18.08 -0.49
CA LEU A 203 14.95 17.72 -1.86
C LEU A 203 15.98 18.67 -2.45
N SER A 204 17.02 18.11 -3.07
CA SER A 204 18.05 18.88 -3.74
C SER A 204 17.42 19.56 -4.94
N ASN A 205 16.71 18.80 -5.82
CA ASN A 205 16.07 19.38 -6.99
C ASN A 205 14.54 19.12 -7.06
N PRO A 206 13.73 20.01 -6.41
CA PRO A 206 12.26 19.84 -6.46
C PRO A 206 11.63 19.95 -7.85
N ALA A 207 12.27 20.70 -8.79
CA ALA A 207 11.83 20.91 -10.17
C ALA A 207 11.86 19.60 -10.96
N GLU A 208 12.90 18.78 -10.76
CA GLU A 208 13.04 17.47 -11.40
C GLU A 208 11.90 16.55 -11.00
N VAL A 209 11.63 16.43 -9.66
CA VAL A 209 10.56 15.60 -9.02
C VAL A 209 9.18 16.05 -9.55
N GLU A 210 8.96 17.37 -9.63
CA GLU A 210 7.74 17.96 -10.16
C GLU A 210 7.58 17.61 -11.66
N ALA A 211 8.69 17.69 -12.47
CA ALA A 211 8.65 17.34 -13.89
C ALA A 211 8.30 15.87 -14.07
N LEU A 212 8.82 15.00 -13.19
CA LEU A 212 8.53 13.56 -13.17
C LEU A 212 7.06 13.29 -12.81
N ARG A 213 6.52 14.05 -11.85
CA ARG A 213 5.12 13.93 -11.43
C ARG A 213 4.15 14.23 -12.62
N GLU A 214 4.40 15.34 -13.37
CA GLU A 214 3.65 15.82 -14.53
C GLU A 214 3.55 14.74 -15.63
N LYS A 215 4.66 14.03 -15.89
CA LYS A 215 4.71 12.99 -16.89
C LYS A 215 3.81 11.82 -16.53
N VAL A 216 3.77 11.44 -15.22
CA VAL A 216 2.97 10.33 -14.69
C VAL A 216 1.52 10.61 -14.91
N TYR A 217 1.06 11.84 -14.53
CA TYR A 217 -0.35 12.16 -14.69
C TYR A 217 -0.71 12.43 -16.16
N ALA A 218 0.25 12.89 -16.99
CA ALA A 218 0.03 13.05 -18.43
C ALA A 218 -0.24 11.66 -19.07
N SER A 219 0.55 10.62 -18.70
CA SER A 219 0.38 9.22 -19.11
C SER A 219 -0.90 8.64 -18.51
N LEU A 220 -1.22 9.01 -17.27
CA LEU A 220 -2.43 8.47 -16.63
C LEU A 220 -3.69 8.92 -17.40
N GLU A 221 -3.77 10.22 -17.76
CA GLU A 221 -4.91 10.70 -18.54
C GLU A 221 -4.97 9.99 -19.90
N ALA A 222 -3.85 9.94 -20.66
CA ALA A 222 -3.80 9.26 -21.95
C ALA A 222 -4.32 7.83 -21.84
N TYR A 223 -3.90 7.10 -20.78
CA TYR A 223 -4.34 5.74 -20.46
C TYR A 223 -5.88 5.67 -20.23
N CYS A 224 -6.38 6.46 -19.26
CA CYS A 224 -7.78 6.58 -18.91
C CYS A 224 -8.65 6.89 -20.13
N LYS A 225 -8.25 7.90 -20.93
CA LYS A 225 -8.95 8.32 -22.14
C LYS A 225 -9.14 7.16 -23.10
N HIS A 226 -8.03 6.43 -23.40
CA HIS A 226 -7.94 5.31 -24.35
C HIS A 226 -8.62 4.02 -23.89
N LYS A 227 -8.58 3.70 -22.58
CA LYS A 227 -9.20 2.49 -22.05
C LYS A 227 -10.66 2.69 -21.62
N TYR A 228 -10.99 3.85 -21.05
CA TYR A 228 -12.34 4.15 -20.54
C TYR A 228 -12.90 5.41 -21.24
N PRO A 229 -13.19 5.38 -22.57
CA PRO A 229 -13.72 6.59 -23.23
C PRO A 229 -15.12 6.97 -22.76
N GLU A 230 -15.90 5.96 -22.31
CA GLU A 230 -17.26 6.09 -21.76
C GLU A 230 -17.26 6.87 -20.42
N GLN A 231 -16.10 6.96 -19.77
CA GLN A 231 -15.90 7.65 -18.50
C GLN A 231 -14.97 8.86 -18.71
N PRO A 232 -15.50 10.02 -19.18
CA PRO A 232 -14.62 11.17 -19.46
C PRO A 232 -13.99 11.83 -18.22
N GLY A 233 -14.63 11.68 -17.05
CA GLY A 233 -14.15 12.26 -15.81
C GLY A 233 -13.50 11.30 -14.81
N ARG A 234 -13.00 10.14 -15.30
CA ARG A 234 -12.37 9.11 -14.48
C ARG A 234 -11.03 9.57 -13.93
N PHE A 235 -10.22 10.27 -14.77
CA PHE A 235 -8.89 10.77 -14.40
C PHE A 235 -8.99 11.65 -13.16
N ALA A 236 -10.00 12.50 -13.12
CA ALA A 236 -10.25 13.37 -11.98
C ALA A 236 -10.69 12.55 -10.77
N LYS A 237 -11.64 11.61 -10.97
CA LYS A 237 -12.15 10.73 -9.90
CA LYS A 237 -12.16 10.72 -9.91
C LYS A 237 -11.01 10.03 -9.17
N LEU A 238 -9.97 9.60 -9.93
CA LEU A 238 -8.78 8.92 -9.43
C LEU A 238 -7.94 9.90 -8.64
N LEU A 239 -7.56 11.04 -9.24
CA LEU A 239 -6.74 12.05 -8.55
C LEU A 239 -7.40 12.55 -7.25
N LEU A 240 -8.73 12.49 -7.18
CA LEU A 240 -9.51 12.95 -6.06
C LEU A 240 -9.58 11.97 -4.89
N ARG A 241 -8.87 10.85 -4.95
CA ARG A 241 -8.78 9.88 -3.83
C ARG A 241 -7.54 10.20 -3.01
N LEU A 242 -6.64 11.03 -3.58
CA LEU A 242 -5.36 11.41 -2.97
C LEU A 242 -5.52 12.25 -1.71
N PRO A 243 -6.44 13.26 -1.61
CA PRO A 243 -6.58 13.98 -0.33
C PRO A 243 -6.97 13.06 0.83
N ALA A 244 -7.83 12.01 0.56
CA ALA A 244 -8.27 11.01 1.56
C ALA A 244 -7.08 10.15 1.97
N LEU A 245 -6.25 9.76 0.98
CA LEU A 245 -5.03 9.02 1.25
C LEU A 245 -4.11 9.81 2.16
N ARG A 246 -4.04 11.12 1.97
CA ARG A 246 -3.22 12.06 2.73
C ARG A 246 -3.67 12.13 4.19
N SER A 247 -4.95 12.45 4.43
CA SER A 247 -5.51 12.51 5.79
C SER A 247 -5.41 11.18 6.54
N ILE A 248 -5.74 10.06 5.87
CA ILE A 248 -5.66 8.72 6.43
C ILE A 248 -4.20 8.41 6.84
N GLY A 249 -3.25 8.72 5.97
CA GLY A 249 -1.83 8.55 6.25
C GLY A 249 -1.39 9.25 7.52
N LEU A 250 -1.85 10.54 7.73
CA LEU A 250 -1.49 11.30 8.93
C LEU A 250 -2.09 10.69 10.19
N LYS A 251 -3.35 10.26 10.09
CA LYS A 251 -4.10 9.64 11.16
C LYS A 251 -3.47 8.28 11.54
N CYS A 252 -2.91 7.57 10.55
CA CYS A 252 -2.26 6.29 10.81
C CYS A 252 -1.00 6.51 11.64
N LEU A 253 -0.21 7.56 11.33
CA LEU A 253 1.00 7.94 12.06
C LEU A 253 0.73 8.32 13.52
N GLU A 254 -0.37 9.02 13.79
CA GLU A 254 -0.72 9.43 15.14
C GLU A 254 -1.22 8.29 16.06
N HIS A 255 -1.76 7.20 15.48
CA HIS A 255 -2.35 6.14 16.29
C HIS A 255 -1.59 4.83 16.29
N LEU A 256 -0.39 4.80 15.66
CA LEU A 256 0.45 3.60 15.62
C LEU A 256 -0.36 2.50 14.91
N PHE A 257 -1.09 2.90 13.84
CA PHE A 257 -1.92 1.99 13.09
C PHE A 257 -1.07 0.89 12.38
N PHE A 258 0.07 1.24 11.77
CA PHE A 258 0.92 0.27 11.09
C PHE A 258 1.46 -0.74 12.09
N PHE A 259 1.90 -0.28 13.24
CA PHE A 259 2.41 -1.14 14.31
C PHE A 259 1.34 -2.14 14.83
N LYS A 260 0.14 -1.63 15.16
CA LYS A 260 -1.00 -2.42 15.65
C LYS A 260 -1.59 -3.34 14.57
N LEU A 261 -1.65 -2.90 13.31
CA LEU A 261 -2.15 -3.68 12.18
C LEU A 261 -1.32 -4.94 11.96
N ILE A 262 0.03 -4.82 11.93
CA ILE A 262 0.95 -5.97 11.74
C ILE A 262 1.21 -6.74 13.05
N GLY A 263 1.03 -6.12 14.23
CA GLY A 263 1.26 -6.75 15.53
C GLY A 263 0.14 -7.52 16.19
N ASP A 264 -1.12 -7.29 15.77
CA ASP A 264 -2.33 -7.85 16.38
C ASP A 264 -2.47 -9.36 16.33
N THR A 265 -2.35 -9.97 15.11
CA THR A 265 -2.49 -11.41 14.89
C THR A 265 -1.32 -12.15 15.56
N PRO A 266 -0.04 -11.75 15.35
CA PRO A 266 1.06 -12.40 16.08
C PRO A 266 0.85 -12.40 17.61
N ILE A 267 0.25 -11.33 18.20
CA ILE A 267 -0.01 -11.34 19.64
C ILE A 267 -1.14 -12.36 19.98
N ASP A 268 -2.18 -12.44 19.13
CA ASP A 268 -3.32 -13.33 19.37
C ASP A 268 -2.94 -14.81 19.34
N THR A 269 -2.21 -15.24 18.30
CA THR A 269 -1.78 -16.64 18.10
C THR A 269 -0.77 -17.07 19.14
N PHE A 270 0.03 -16.15 19.66
CA PHE A 270 1.00 -16.42 20.72
C PHE A 270 0.21 -16.68 22.01
N LEU A 271 -0.72 -15.75 22.41
CA LEU A 271 -1.58 -15.92 23.59
C LEU A 271 -2.45 -17.20 23.49
N MET A 272 -2.97 -17.51 22.26
CA MET A 272 -3.80 -18.72 21.99
C MET A 272 -3.04 -19.99 22.40
N GLU A 273 -1.74 -20.10 22.01
CA GLU A 273 -0.88 -21.22 22.32
C GLU A 273 -0.74 -21.36 23.84
N MET A 274 -0.40 -20.28 24.53
CA MET A 274 -0.26 -20.26 25.98
C MET A 274 -1.54 -20.69 26.68
N LEU A 275 -2.71 -20.19 26.19
CA LEU A 275 -4.03 -20.53 26.73
C LEU A 275 -4.44 -21.96 26.39
N GLU A 276 -3.92 -22.50 25.30
CA GLU A 276 -4.25 -23.84 24.83
C GLU A 276 -3.33 -24.88 25.50
N ALA A 277 -2.11 -24.47 25.94
CA ALA A 277 -1.10 -25.30 26.62
C ALA A 277 -1.59 -25.76 27.99
N PRO A 278 -1.10 -26.90 28.55
CA PRO A 278 -1.58 -27.29 29.89
C PRO A 278 -1.03 -26.41 31.01
N HIS A 279 -1.60 -26.57 32.23
CA HIS A 279 -1.28 -25.88 33.49
C HIS A 279 0.20 -26.03 33.84
N GLN A 280 0.83 -24.95 34.36
CA GLN A 280 2.28 -24.90 34.57
C GLN A 280 2.85 -25.00 36.02
N MET A 281 3.47 -23.90 36.55
CA MET A 281 4.28 -23.84 37.78
C MET A 281 3.55 -23.86 39.14
N THR A 282 4.39 -24.11 40.22
CA THR A 282 4.19 -24.25 41.67
C THR A 282 3.99 -25.74 42.01
#